data_1S17
#
_entry.id   1S17
#
_cell.length_a   69.009
_cell.length_b   73.994
_cell.length_c   76.864
_cell.angle_alpha   90.00
_cell.angle_beta   90.00
_cell.angle_gamma   90.00
#
_symmetry.space_group_name_H-M   'P 21 21 21'
#
loop_
_entity.id
_entity.type
_entity.pdbx_description
1 polymer 'Peptide deformylase'
2 non-polymer 'NICKEL (II) ION'
3 non-polymer 2-(3,4-DIHYDRO-3-OXO-2H-BENZO[B][1,4]THIAZIN-2-YL)-N-HYDROXYACETAMIDE
4 non-polymer GLYCEROL
5 water water
#
_entity_poly.entity_id   1
_entity_poly.type   'polypeptide(L)'
_entity_poly.pdbx_seq_one_letter_code
;MGSDKIHHHHHHMAILNILEFPDPRLRTIAKPVEVVDDAVRQLIDDMFETMYEAPGIGLAATQVNVHKRIVVMDLSEDKS
EPRVFINPEFEPLTEEMDQYQEGCLSVPGFYENVDRPQKVRIKALDRDGNPFEEVAEGLLAVCIQHECDHLNGKLFVDYL
STLKRDRIRKKLEKQHRQQA
;
_entity_poly.pdbx_strand_id   A,B
#
loop_
_chem_comp.id
_chem_comp.type
_chem_comp.name
_chem_comp.formula
GNR non-polymer 2-(3,4-DIHYDRO-3-OXO-2H-BENZO[B][1,4]THIAZIN-2-YL)-N-HYDROXYACETAMIDE 'C10 H10 N2 O3 S'
GOL non-polymer GLYCEROL 'C3 H8 O3'
NI non-polymer 'NICKEL (II) ION' 'Ni 2'
#
# COMPACT_ATOMS: atom_id res chain seq x y z
N ALA A 14 -10.99 -6.69 -0.13
CA ALA A 14 -11.29 -7.75 -1.14
C ALA A 14 -10.76 -7.32 -2.50
N ILE A 15 -10.28 -8.29 -3.27
CA ILE A 15 -9.78 -8.05 -4.62
C ILE A 15 -10.98 -8.34 -5.51
N LEU A 16 -11.45 -7.32 -6.21
CA LEU A 16 -12.60 -7.50 -7.07
C LEU A 16 -12.17 -7.91 -8.47
N ASN A 17 -13.05 -8.57 -9.19
CA ASN A 17 -12.72 -8.99 -10.53
C ASN A 17 -12.76 -7.76 -11.46
N ILE A 18 -11.77 -7.63 -12.33
CA ILE A 18 -11.75 -6.51 -13.26
C ILE A 18 -12.29 -6.96 -14.63
N LEU A 19 -13.38 -6.33 -15.09
CA LEU A 19 -13.94 -6.62 -16.40
C LEU A 19 -12.91 -6.34 -17.51
N GLU A 20 -12.99 -7.09 -18.62
CA GLU A 20 -12.07 -6.90 -19.71
C GLU A 20 -12.83 -6.71 -21.04
N PHE A 21 -12.30 -5.82 -21.86
CA PHE A 21 -12.85 -5.55 -23.20
C PHE A 21 -12.89 -6.94 -23.90
N PRO A 22 -13.93 -7.25 -24.69
CA PRO A 22 -15.14 -6.53 -25.08
C PRO A 22 -16.38 -6.76 -24.24
N ASP A 23 -16.23 -7.08 -22.95
CA ASP A 23 -17.40 -7.28 -22.06
C ASP A 23 -18.28 -6.01 -22.19
N PRO A 24 -19.55 -6.16 -22.58
CA PRO A 24 -20.41 -5.01 -22.74
C PRO A 24 -20.66 -4.20 -21.46
N ARG A 25 -20.43 -4.80 -20.31
CA ARG A 25 -20.66 -4.08 -19.07
C ARG A 25 -19.73 -2.84 -18.92
N LEU A 26 -18.59 -2.86 -19.62
CA LEU A 26 -17.65 -1.73 -19.61
C LEU A 26 -18.21 -0.54 -20.35
N ARG A 27 -19.30 -0.75 -21.09
CA ARG A 27 -19.94 0.37 -21.82
C ARG A 27 -21.05 1.03 -21.01
N THR A 28 -21.33 0.55 -19.81
CA THR A 28 -22.39 1.12 -18.98
C THR A 28 -22.03 2.53 -18.48
N ILE A 29 -22.99 3.46 -18.47
CA ILE A 29 -22.71 4.81 -17.94
C ILE A 29 -22.88 4.78 -16.42
N ALA A 30 -21.86 5.20 -15.67
CA ALA A 30 -21.93 5.14 -14.21
C ALA A 30 -22.84 6.23 -13.67
N LYS A 31 -23.49 5.95 -12.57
CA LYS A 31 -24.39 6.91 -11.94
C LYS A 31 -23.67 7.67 -10.82
N PRO A 32 -23.93 8.99 -10.71
CA PRO A 32 -23.31 9.80 -9.68
C PRO A 32 -23.61 9.22 -8.32
N VAL A 33 -22.67 9.45 -7.40
CA VAL A 33 -22.77 9.05 -6.01
C VAL A 33 -23.51 10.19 -5.27
N GLU A 34 -24.64 9.87 -4.62
CA GLU A 34 -25.42 10.91 -3.93
C GLU A 34 -25.01 11.14 -2.50
N VAL A 35 -24.36 10.17 -1.88
CA VAL A 35 -23.87 10.39 -0.51
C VAL A 35 -22.65 9.52 -0.34
N VAL A 36 -21.61 10.11 0.19
CA VAL A 36 -20.39 9.35 0.37
C VAL A 36 -20.43 8.83 1.77
N ASP A 37 -20.99 7.64 1.94
CA ASP A 37 -21.11 7.03 3.25
C ASP A 37 -20.05 5.97 3.50
N ASP A 38 -20.29 5.09 4.46
CA ASP A 38 -19.22 4.14 4.71
C ASP A 38 -19.16 3.03 3.67
N ALA A 39 -20.29 2.71 3.06
CA ALA A 39 -20.31 1.68 2.04
C ALA A 39 -19.47 2.17 0.86
N VAL A 40 -19.63 3.45 0.50
CA VAL A 40 -18.84 4.01 -0.59
C VAL A 40 -17.36 3.92 -0.18
N ARG A 41 -17.03 4.31 1.06
CA ARG A 41 -15.59 4.22 1.41
C ARG A 41 -15.09 2.76 1.42
N GLN A 42 -15.95 1.80 1.71
CA GLN A 42 -15.49 0.41 1.72
C GLN A 42 -15.22 -0.06 0.27
N LEU A 43 -16.10 0.34 -0.65
CA LEU A 43 -15.92 0.03 -2.09
C LEU A 43 -14.61 0.65 -2.54
N ILE A 44 -14.37 1.89 -2.14
CA ILE A 44 -13.11 2.56 -2.47
C ILE A 44 -11.90 1.77 -1.94
N ASP A 45 -12.00 1.25 -0.72
CA ASP A 45 -10.89 0.46 -0.20
C ASP A 45 -10.66 -0.81 -0.98
N ASP A 46 -11.74 -1.47 -1.43
CA ASP A 46 -11.60 -2.68 -2.24
C ASP A 46 -11.02 -2.35 -3.60
N MET A 47 -11.46 -1.22 -4.15
CA MET A 47 -10.94 -0.76 -5.44
C MET A 47 -9.43 -0.50 -5.33
N PHE A 48 -9.00 0.19 -4.27
CA PHE A 48 -7.55 0.41 -4.15
C PHE A 48 -6.82 -0.93 -4.02
N GLU A 49 -7.36 -1.87 -3.23
CA GLU A 49 -6.67 -3.15 -3.09
C GLU A 49 -6.55 -3.84 -4.46
N THR A 50 -7.64 -3.86 -5.20
CA THR A 50 -7.70 -4.46 -6.55
C THR A 50 -6.66 -3.78 -7.43
N MET A 51 -6.67 -2.44 -7.40
CA MET A 51 -5.75 -1.65 -8.19
C MET A 51 -4.27 -1.94 -7.81
N TYR A 52 -3.95 -1.88 -6.52
CA TYR A 52 -2.56 -2.12 -6.10
C TYR A 52 -2.10 -3.54 -6.42
N GLU A 53 -3.01 -4.50 -6.36
CA GLU A 53 -2.63 -5.89 -6.65
C GLU A 53 -2.47 -6.24 -8.12
N ALA A 54 -3.16 -5.51 -9.01
CA ALA A 54 -3.13 -5.83 -10.46
C ALA A 54 -1.71 -5.99 -11.03
N PRO A 55 -0.83 -4.96 -10.94
CA PRO A 55 -1.00 -3.62 -10.37
C PRO A 55 -1.34 -2.60 -11.45
N GLY A 56 -1.93 -1.47 -11.04
CA GLY A 56 -2.27 -0.42 -12.02
C GLY A 56 -2.17 0.87 -11.23
N ILE A 57 -2.29 2.03 -11.87
CA ILE A 57 -2.17 3.33 -11.20
C ILE A 57 -3.51 4.03 -11.07
N GLY A 58 -4.53 3.42 -11.69
CA GLY A 58 -5.84 4.00 -11.56
C GLY A 58 -6.91 2.98 -11.76
N LEU A 59 -8.13 3.28 -11.31
CA LEU A 59 -9.20 2.32 -11.53
C LEU A 59 -10.53 3.04 -11.34
N ALA A 60 -11.48 2.73 -12.23
CA ALA A 60 -12.82 3.30 -12.20
C ALA A 60 -13.77 2.18 -11.75
N ALA A 61 -14.83 2.55 -11.04
CA ALA A 61 -15.74 1.55 -10.53
C ALA A 61 -16.39 0.71 -11.65
N THR A 62 -16.66 1.32 -12.77
CA THR A 62 -17.22 0.61 -13.90
C THR A 62 -16.39 -0.63 -14.20
N GLN A 63 -15.07 -0.52 -14.01
CA GLN A 63 -14.14 -1.63 -14.32
C GLN A 63 -14.31 -2.80 -13.41
N VAL A 64 -14.87 -2.57 -12.23
CA VAL A 64 -15.12 -3.70 -11.33
C VAL A 64 -16.61 -3.99 -11.29
N ASN A 65 -17.30 -3.55 -12.35
CA ASN A 65 -18.72 -3.80 -12.50
C ASN A 65 -19.61 -3.14 -11.46
N VAL A 66 -19.17 -1.99 -10.94
CA VAL A 66 -19.99 -1.22 -10.00
C VAL A 66 -20.18 0.09 -10.74
N HIS A 67 -21.41 0.33 -11.17
CA HIS A 67 -21.67 1.48 -12.00
C HIS A 67 -21.98 2.79 -11.31
N LYS A 68 -20.97 3.24 -10.57
CA LYS A 68 -21.05 4.45 -9.80
C LYS A 68 -19.85 5.28 -10.19
N ARG A 69 -20.01 6.62 -10.09
CA ARG A 69 -18.95 7.52 -10.53
C ARG A 69 -17.91 7.67 -9.47
N ILE A 70 -17.05 6.65 -9.42
CA ILE A 70 -15.97 6.63 -8.43
C ILE A 70 -14.66 6.24 -9.09
N VAL A 71 -13.61 7.02 -8.83
CA VAL A 71 -12.29 6.73 -9.35
C VAL A 71 -11.22 6.74 -8.25
N VAL A 72 -10.29 5.78 -8.27
CA VAL A 72 -9.18 5.79 -7.35
C VAL A 72 -7.91 5.78 -8.21
N MET A 73 -6.81 6.23 -7.61
CA MET A 73 -5.54 6.35 -8.32
C MET A 73 -4.38 6.38 -7.36
N ASP A 74 -3.21 5.95 -7.79
CA ASP A 74 -2.02 6.16 -6.99
C ASP A 74 -0.87 6.19 -7.97
N LEU A 75 -0.40 7.41 -8.25
CA LEU A 75 0.65 7.58 -9.23
C LEU A 75 2.06 7.42 -8.64
N SER A 76 2.19 7.04 -7.37
CA SER A 76 3.54 6.89 -6.79
C SER A 76 4.13 5.50 -7.06
N GLU A 77 5.43 5.34 -6.82
CA GLU A 77 6.04 4.04 -7.01
C GLU A 77 6.00 3.27 -5.71
N ASP A 78 5.47 3.87 -4.65
CA ASP A 78 5.44 3.19 -3.34
C ASP A 78 4.13 3.24 -2.52
N LYS A 79 2.97 3.32 -3.19
CA LYS A 79 1.69 3.32 -2.46
C LYS A 79 1.55 4.43 -1.46
N SER A 80 2.31 5.49 -1.61
CA SER A 80 2.22 6.54 -0.64
C SER A 80 1.33 7.69 -1.05
N GLU A 81 0.66 7.60 -2.20
CA GLU A 81 -0.19 8.74 -2.58
C GLU A 81 -1.56 8.38 -3.14
N PRO A 82 -2.37 7.70 -2.34
CA PRO A 82 -3.71 7.33 -2.81
C PRO A 82 -4.56 8.61 -3.04
N ARG A 83 -5.33 8.62 -4.10
CA ARG A 83 -6.17 9.75 -4.43
C ARG A 83 -7.55 9.18 -4.74
N VAL A 84 -8.57 9.89 -4.27
CA VAL A 84 -9.98 9.52 -4.49
C VAL A 84 -10.68 10.63 -5.29
N PHE A 85 -11.46 10.26 -6.31
CA PHE A 85 -12.25 11.25 -7.06
C PHE A 85 -13.67 10.71 -7.20
N ILE A 86 -14.62 11.34 -6.53
CA ILE A 86 -16.02 10.87 -6.62
C ILE A 86 -16.75 11.89 -7.50
N ASN A 87 -17.60 11.40 -8.39
CA ASN A 87 -18.31 12.26 -9.35
C ASN A 87 -17.29 13.23 -10.03
N PRO A 88 -16.19 12.69 -10.59
CA PRO A 88 -15.18 13.54 -11.22
C PRO A 88 -15.64 14.10 -12.54
N GLU A 89 -15.12 15.29 -12.85
CA GLU A 89 -15.38 15.97 -14.12
C GLU A 89 -14.07 16.71 -14.40
N PHE A 90 -13.85 17.11 -15.64
CA PHE A 90 -12.64 17.86 -15.93
C PHE A 90 -12.93 18.78 -17.08
N GLU A 91 -12.14 19.81 -17.22
CA GLU A 91 -12.32 20.71 -18.34
C GLU A 91 -10.92 21.08 -18.78
N PRO A 92 -10.66 20.96 -20.09
CA PRO A 92 -9.35 21.27 -20.66
C PRO A 92 -9.04 22.72 -20.30
N LEU A 93 -7.79 22.97 -19.91
CA LEU A 93 -7.35 24.30 -19.57
C LEU A 93 -6.63 24.99 -20.75
N THR A 94 -6.24 24.21 -21.74
CA THR A 94 -5.57 24.72 -22.93
C THR A 94 -6.16 23.93 -24.09
N GLU A 95 -5.89 24.35 -25.33
CA GLU A 95 -6.34 23.59 -26.50
C GLU A 95 -5.19 22.67 -26.90
N GLU A 96 -4.06 22.76 -26.22
CA GLU A 96 -2.98 21.89 -26.63
C GLU A 96 -3.25 20.43 -26.28
N MET A 97 -2.72 19.55 -27.11
CA MET A 97 -2.90 18.10 -26.97
C MET A 97 -1.55 17.44 -26.77
N ASP A 98 -1.55 16.28 -26.14
CA ASP A 98 -0.29 15.55 -25.94
C ASP A 98 -0.60 14.09 -26.17
N GLN A 99 0.42 13.36 -26.59
CA GLN A 99 0.29 11.95 -26.85
C GLN A 99 0.93 11.21 -25.68
N TYR A 100 0.35 10.08 -25.33
CA TYR A 100 0.87 9.28 -24.25
C TYR A 100 0.50 7.85 -24.63
N GLN A 101 1.40 6.89 -24.37
CA GLN A 101 1.08 5.52 -24.69
C GLN A 101 0.29 5.03 -23.48
N GLU A 102 -0.97 4.72 -23.69
CA GLU A 102 -1.80 4.27 -22.59
C GLU A 102 -2.03 2.79 -22.59
N GLY A 103 -2.23 2.26 -21.38
CA GLY A 103 -2.60 0.89 -21.18
C GLY A 103 -3.86 0.96 -20.28
N CYS A 104 -4.45 -0.20 -20.00
CA CYS A 104 -5.68 -0.28 -19.21
C CYS A 104 -5.79 -1.67 -18.66
N LEU A 105 -6.20 -1.78 -17.40
CA LEU A 105 -6.37 -3.09 -16.72
C LEU A 105 -7.51 -3.87 -17.39
N SER A 106 -8.45 -3.14 -17.99
CA SER A 106 -9.57 -3.79 -18.72
C SER A 106 -9.20 -4.13 -20.17
N VAL A 107 -7.99 -3.79 -20.61
CA VAL A 107 -7.52 -4.15 -21.97
C VAL A 107 -6.07 -4.57 -21.71
N PRO A 108 -5.91 -5.62 -20.90
CA PRO A 108 -4.57 -6.06 -20.54
C PRO A 108 -3.62 -6.43 -21.63
N GLY A 109 -2.40 -5.94 -21.47
CA GLY A 109 -1.32 -6.29 -22.38
C GLY A 109 -1.21 -5.40 -23.60
N PHE A 110 -2.09 -4.42 -23.74
CA PHE A 110 -2.04 -3.55 -24.92
C PHE A 110 -1.74 -2.14 -24.55
N TYR A 111 -0.87 -1.50 -25.31
CA TYR A 111 -0.49 -0.12 -25.02
C TYR A 111 -0.48 0.63 -26.33
N GLU A 112 -1.26 1.70 -26.45
CA GLU A 112 -1.33 2.45 -27.70
C GLU A 112 -1.34 3.94 -27.44
N ASN A 113 -0.86 4.72 -28.39
CA ASN A 113 -0.84 6.15 -28.18
C ASN A 113 -2.25 6.69 -28.23
N VAL A 114 -2.51 7.67 -27.38
CA VAL A 114 -3.79 8.35 -27.37
C VAL A 114 -3.48 9.82 -27.19
N ASP A 115 -4.13 10.69 -27.97
CA ASP A 115 -3.94 12.13 -27.85
C ASP A 115 -5.03 12.67 -26.96
N ARG A 116 -4.67 13.53 -26.01
CA ARG A 116 -5.67 14.12 -25.11
C ARG A 116 -5.19 15.50 -24.74
N PRO A 117 -6.11 16.35 -24.26
CA PRO A 117 -5.79 17.71 -23.81
C PRO A 117 -4.64 17.51 -22.81
N GLN A 118 -3.61 18.37 -22.88
CA GLN A 118 -2.44 18.23 -21.99
C GLN A 118 -2.62 18.73 -20.55
N LYS A 119 -3.58 19.62 -20.35
CA LYS A 119 -3.79 20.19 -19.03
C LYS A 119 -5.29 20.36 -18.80
N VAL A 120 -5.80 19.90 -17.65
CA VAL A 120 -7.23 20.02 -17.39
C VAL A 120 -7.43 20.40 -15.96
N ARG A 121 -8.61 20.92 -15.66
CA ARG A 121 -8.93 21.25 -14.30
C ARG A 121 -9.91 20.20 -13.86
N ILE A 122 -9.54 19.44 -12.84
CA ILE A 122 -10.44 18.43 -12.28
C ILE A 122 -11.38 19.06 -11.23
N LYS A 123 -12.63 18.56 -11.16
CA LYS A 123 -13.53 18.92 -10.09
C LYS A 123 -14.10 17.60 -9.64
N ALA A 124 -14.19 17.38 -8.33
CA ALA A 124 -14.70 16.13 -7.81
C ALA A 124 -14.99 16.27 -6.32
N LEU A 125 -15.51 15.19 -5.73
CA LEU A 125 -15.73 15.13 -4.28
C LEU A 125 -14.58 14.25 -3.73
N ASP A 126 -14.09 14.56 -2.53
CA ASP A 126 -13.03 13.75 -1.96
C ASP A 126 -13.68 12.61 -1.16
N ARG A 127 -12.86 11.84 -0.45
CA ARG A 127 -13.32 10.66 0.32
C ARG A 127 -14.31 10.96 1.44
N ASP A 128 -14.44 12.25 1.76
CA ASP A 128 -15.36 12.68 2.79
C ASP A 128 -16.61 13.27 2.12
N GLY A 129 -16.62 13.34 0.80
CA GLY A 129 -17.78 13.93 0.16
C GLY A 129 -17.63 15.45 -0.06
N ASN A 130 -16.47 16.02 0.24
CA ASN A 130 -16.28 17.45 0.06
C ASN A 130 -15.72 17.79 -1.33
N PRO A 131 -16.30 18.82 -1.99
CA PRO A 131 -15.87 19.23 -3.34
C PRO A 131 -14.51 19.92 -3.39
N PHE A 132 -13.71 19.57 -4.38
CA PHE A 132 -12.45 20.26 -4.56
C PHE A 132 -12.14 20.35 -6.02
N GLU A 133 -11.14 21.15 -6.36
CA GLU A 133 -10.72 21.22 -7.74
C GLU A 133 -9.20 21.00 -7.79
N GLU A 134 -8.67 20.72 -8.97
CA GLU A 134 -7.26 20.44 -9.05
C GLU A 134 -6.76 20.56 -10.47
N VAL A 135 -5.68 21.30 -10.65
CA VAL A 135 -5.10 21.45 -11.97
C VAL A 135 -4.28 20.20 -12.18
N ALA A 136 -4.39 19.63 -13.37
CA ALA A 136 -3.67 18.40 -13.68
C ALA A 136 -2.93 18.52 -15.00
N GLU A 137 -1.67 18.10 -14.99
CA GLU A 137 -0.88 18.05 -16.21
C GLU A 137 -0.10 16.74 -16.10
N GLY A 138 0.44 16.29 -17.23
CA GLY A 138 1.21 15.06 -17.24
C GLY A 138 0.43 13.80 -16.89
N LEU A 139 1.11 12.81 -16.29
CA LEU A 139 0.42 11.57 -15.96
C LEU A 139 -0.94 11.79 -15.23
N LEU A 140 -1.03 12.76 -14.33
CA LEU A 140 -2.32 12.99 -13.66
C LEU A 140 -3.46 13.39 -14.62
N ALA A 141 -3.16 14.26 -15.59
CA ALA A 141 -4.16 14.71 -16.54
C ALA A 141 -4.57 13.56 -17.47
N VAL A 142 -3.60 12.75 -17.85
CA VAL A 142 -3.89 11.60 -18.70
C VAL A 142 -4.80 10.62 -17.91
N CYS A 143 -4.36 10.25 -16.70
CA CYS A 143 -5.10 9.28 -15.94
C CYS A 143 -6.54 9.77 -15.60
N ILE A 144 -6.72 11.02 -15.18
CA ILE A 144 -8.07 11.45 -14.85
C ILE A 144 -9.00 11.38 -16.05
N GLN A 145 -8.51 11.71 -17.24
CA GLN A 145 -9.36 11.67 -18.44
C GLN A 145 -9.71 10.23 -18.81
N HIS A 146 -8.70 9.37 -18.72
CA HIS A 146 -8.86 7.95 -18.99
C HIS A 146 -9.89 7.34 -18.04
N GLU A 147 -9.84 7.69 -16.74
CA GLU A 147 -10.78 7.11 -15.78
C GLU A 147 -12.20 7.70 -15.94
N CYS A 148 -12.29 9.00 -16.21
CA CYS A 148 -13.60 9.56 -16.41
C CYS A 148 -14.23 8.90 -17.64
N ASP A 149 -13.43 8.60 -18.65
CA ASP A 149 -13.92 7.95 -19.88
C ASP A 149 -14.59 6.66 -19.46
N HIS A 150 -13.93 5.88 -18.60
CA HIS A 150 -14.55 4.62 -18.15
C HIS A 150 -15.98 4.83 -17.61
N LEU A 151 -16.15 5.85 -16.79
CA LEU A 151 -17.44 6.16 -16.18
C LEU A 151 -18.50 6.53 -17.24
N ASN A 152 -18.06 6.87 -18.44
CA ASN A 152 -19.00 7.18 -19.51
C ASN A 152 -19.01 6.03 -20.51
N GLY A 153 -18.52 4.88 -20.05
CA GLY A 153 -18.52 3.67 -20.87
C GLY A 153 -17.57 3.71 -22.04
N LYS A 154 -16.51 4.51 -21.94
CA LYS A 154 -15.55 4.64 -23.04
C LYS A 154 -14.17 4.09 -22.67
N LEU A 155 -13.53 3.43 -23.63
CA LEU A 155 -12.22 2.79 -23.43
C LEU A 155 -11.22 3.46 -24.33
N PHE A 156 -9.92 3.35 -24.01
CA PHE A 156 -8.94 4.02 -24.82
C PHE A 156 -8.87 3.45 -26.26
N VAL A 157 -9.27 2.19 -26.43
CA VAL A 157 -9.28 1.59 -27.78
C VAL A 157 -10.31 2.30 -28.67
N ASP A 158 -11.22 3.09 -28.06
CA ASP A 158 -12.21 3.82 -28.85
C ASP A 158 -11.54 4.95 -29.64
N TYR A 159 -10.35 5.36 -29.22
CA TYR A 159 -9.67 6.43 -29.91
C TYR A 159 -8.82 5.92 -31.05
N LEU A 160 -8.59 4.60 -31.06
CA LEU A 160 -7.73 3.96 -32.05
C LEU A 160 -8.46 3.72 -33.37
N SER A 161 -7.71 3.38 -34.42
CA SER A 161 -8.32 3.09 -35.71
C SER A 161 -9.18 1.87 -35.54
N THR A 162 -10.21 1.77 -36.36
CA THR A 162 -11.06 0.65 -36.19
C THR A 162 -10.30 -0.66 -36.39
N LEU A 163 -9.35 -0.69 -37.33
CA LEU A 163 -8.67 -1.96 -37.57
C LEU A 163 -7.78 -2.38 -36.39
N LYS A 164 -7.15 -1.40 -35.75
CA LYS A 164 -6.30 -1.71 -34.61
C LYS A 164 -7.16 -2.18 -33.46
N ARG A 165 -8.28 -1.51 -33.22
CA ARG A 165 -9.17 -1.93 -32.14
C ARG A 165 -9.70 -3.34 -32.40
N ASP A 166 -9.98 -3.68 -33.65
CA ASP A 166 -10.52 -5.01 -33.94
C ASP A 166 -9.43 -6.08 -33.69
N ARG A 167 -8.19 -5.73 -34.01
CA ARG A 167 -7.09 -6.67 -33.81
C ARG A 167 -6.96 -6.93 -32.30
N ILE A 168 -7.09 -5.84 -31.53
CA ILE A 168 -7.04 -5.98 -30.07
C ILE A 168 -8.19 -6.85 -29.58
N ARG A 169 -9.39 -6.55 -30.02
CA ARG A 169 -10.54 -7.32 -29.61
C ARG A 169 -10.38 -8.81 -29.84
N LYS A 170 -9.99 -9.14 -31.06
CA LYS A 170 -9.82 -10.52 -31.46
C LYS A 170 -8.80 -11.24 -30.58
N LYS A 171 -7.71 -10.58 -30.24
CA LYS A 171 -6.70 -11.21 -29.40
C LYS A 171 -7.27 -11.47 -28.03
N LEU A 172 -7.92 -10.46 -27.46
CA LEU A 172 -8.52 -10.64 -26.14
C LEU A 172 -9.62 -11.66 -26.19
N GLU A 173 -10.43 -11.65 -27.23
CA GLU A 173 -11.49 -12.63 -27.24
C GLU A 173 -10.90 -14.03 -27.20
N LYS A 174 -9.81 -14.21 -27.96
CA LYS A 174 -9.13 -15.51 -28.05
C LYS A 174 -8.60 -15.88 -26.66
N GLN A 175 -7.95 -14.92 -26.00
CA GLN A 175 -7.46 -15.19 -24.65
C GLN A 175 -8.57 -15.61 -23.71
N HIS A 176 -9.71 -14.94 -23.79
CA HIS A 176 -10.79 -15.26 -22.88
C HIS A 176 -11.29 -16.68 -23.11
N ARG A 177 -11.33 -17.12 -24.37
CA ARG A 177 -11.76 -18.48 -24.69
C ARG A 177 -10.76 -19.51 -24.15
N GLN A 178 -9.47 -19.20 -24.24
CA GLN A 178 -8.41 -20.10 -23.76
C GLN A 178 -8.36 -20.16 -22.24
N GLN A 179 -8.89 -19.13 -21.59
CA GLN A 179 -8.88 -19.04 -20.13
C GLN A 179 -10.15 -19.64 -19.58
N ALA B 14 22.73 7.03 24.76
CA ALA B 14 22.09 5.69 24.73
C ALA B 14 20.62 5.74 24.32
N ILE B 15 19.93 6.85 24.51
CA ILE B 15 18.54 6.88 24.08
C ILE B 15 18.52 7.42 22.68
N LEU B 16 18.20 6.54 21.74
CA LEU B 16 18.19 6.89 20.33
C LEU B 16 16.85 7.44 19.90
N ASN B 17 16.88 8.26 18.86
CA ASN B 17 15.65 8.82 18.35
C ASN B 17 14.92 7.71 17.57
N ILE B 18 13.62 7.58 17.81
CA ILE B 18 12.85 6.58 17.09
C ILE B 18 12.10 7.24 15.93
N LEU B 19 12.33 6.75 14.72
CA LEU B 19 11.68 7.30 13.51
C LEU B 19 10.19 7.01 13.52
N GLU B 20 9.39 7.92 12.99
CA GLU B 20 7.95 7.71 12.97
C GLU B 20 7.38 7.76 11.56
N PHE B 21 6.41 6.89 11.29
CA PHE B 21 5.69 6.84 10.00
C PHE B 21 5.17 8.31 9.83
N PRO B 22 5.19 8.89 8.63
CA PRO B 22 5.63 8.38 7.31
C PRO B 22 7.07 8.66 6.90
N ASP B 23 7.99 8.74 7.85
CA ASP B 23 9.38 8.98 7.52
C ASP B 23 9.82 7.91 6.54
N PRO B 24 10.33 8.32 5.36
CA PRO B 24 10.75 7.31 4.39
C PRO B 24 11.90 6.39 4.80
N ARG B 25 12.67 6.79 5.79
CA ARG B 25 13.78 5.94 6.23
C ARG B 25 13.29 4.60 6.84
N LEU B 26 12.04 4.57 7.31
CA LEU B 26 11.45 3.35 7.85
C LEU B 26 11.22 2.30 6.74
N ARG B 27 11.29 2.71 5.47
CA ARG B 27 11.07 1.79 4.37
C ARG B 27 12.38 1.16 3.88
N THR B 28 13.49 1.52 4.52
CA THR B 28 14.81 0.97 4.15
C THR B 28 14.99 -0.46 4.57
N ILE B 29 15.56 -1.26 3.68
CA ILE B 29 15.80 -2.69 3.91
C ILE B 29 17.12 -2.85 4.63
N ALA B 30 17.06 -3.48 5.81
CA ALA B 30 18.26 -3.66 6.63
C ALA B 30 19.24 -4.68 6.08
N LYS B 31 20.53 -4.39 6.24
CA LYS B 31 21.64 -5.28 5.81
C LYS B 31 21.98 -6.28 6.93
N PRO B 32 22.35 -7.52 6.55
CA PRO B 32 22.71 -8.56 7.51
C PRO B 32 23.89 -8.15 8.30
N VAL B 33 24.00 -8.66 9.52
CA VAL B 33 25.12 -8.39 10.40
C VAL B 33 26.16 -9.47 10.12
N GLU B 34 27.39 -9.10 9.80
CA GLU B 34 28.42 -10.10 9.46
C GLU B 34 29.17 -10.58 10.70
N VAL B 35 29.26 -9.71 11.71
CA VAL B 35 29.97 -10.08 12.91
C VAL B 35 29.42 -9.28 14.03
N VAL B 36 29.23 -9.93 15.17
CA VAL B 36 28.71 -9.24 16.30
C VAL B 36 29.89 -8.74 17.14
N ASP B 37 30.47 -7.65 16.70
CA ASP B 37 31.59 -7.06 17.41
C ASP B 37 31.11 -6.09 18.46
N ASP B 38 32.07 -5.31 18.97
CA ASP B 38 31.82 -4.31 19.99
C ASP B 38 30.81 -3.28 19.57
N ALA B 39 30.96 -2.72 18.38
CA ALA B 39 30.00 -1.72 17.90
C ALA B 39 28.54 -2.28 17.92
N VAL B 40 28.34 -3.49 17.43
CA VAL B 40 27.00 -4.11 17.43
C VAL B 40 26.52 -4.32 18.90
N ARG B 41 27.43 -4.78 19.75
CA ARG B 41 27.07 -4.98 21.14
C ARG B 41 26.63 -3.66 21.79
N GLN B 42 27.26 -2.55 21.39
CA GLN B 42 26.88 -1.25 21.94
C GLN B 42 25.49 -0.85 21.41
N LEU B 43 25.26 -1.03 20.13
CA LEU B 43 23.96 -0.70 19.54
C LEU B 43 22.84 -1.47 20.30
N ILE B 44 23.07 -2.75 20.54
CA ILE B 44 22.10 -3.58 21.24
C ILE B 44 21.77 -2.98 22.58
N ASP B 45 22.79 -2.57 23.35
CA ASP B 45 22.53 -1.97 24.66
C ASP B 45 21.76 -0.66 24.53
N ASP B 46 22.05 0.12 23.51
CA ASP B 46 21.34 1.38 23.35
C ASP B 46 19.88 1.14 22.94
N MET B 47 19.69 0.07 22.14
CA MET B 47 18.37 -0.29 21.65
C MET B 47 17.52 -0.65 22.85
N PHE B 48 18.09 -1.46 23.74
CA PHE B 48 17.35 -1.82 24.93
C PHE B 48 16.93 -0.61 25.75
N GLU B 49 17.86 0.30 26.02
CA GLU B 49 17.51 1.50 26.81
C GLU B 49 16.44 2.31 26.12
N THR B 50 16.58 2.43 24.81
CA THR B 50 15.62 3.20 24.02
C THR B 50 14.26 2.55 24.13
N MET B 51 14.22 1.23 23.92
CA MET B 51 12.97 0.51 24.00
C MET B 51 12.28 0.60 25.36
N TYR B 52 13.03 0.38 26.44
CA TYR B 52 12.46 0.45 27.78
C TYR B 52 11.98 1.85 28.15
N GLU B 53 12.63 2.85 27.63
CA GLU B 53 12.21 4.14 28.07
C GLU B 53 11.01 4.68 27.29
N ALA B 54 10.76 4.14 26.09
CA ALA B 54 9.66 4.63 25.28
C ALA B 54 8.35 4.73 26.03
N PRO B 55 7.85 3.62 26.62
CA PRO B 55 8.37 2.25 26.63
C PRO B 55 7.70 1.45 25.52
N GLY B 56 8.31 0.31 25.17
CA GLY B 56 7.75 -0.61 24.15
C GLY B 56 8.24 -2.00 24.47
N ILE B 57 7.74 -3.04 23.78
CA ILE B 57 8.20 -4.39 24.05
C ILE B 57 9.16 -4.95 22.98
N GLY B 58 9.38 -4.21 21.92
CA GLY B 58 10.29 -4.70 20.91
C GLY B 58 10.84 -3.54 20.14
N LEU B 59 11.98 -3.73 19.45
CA LEU B 59 12.51 -2.61 18.66
C LEU B 59 13.46 -3.17 17.59
N ALA B 60 13.31 -2.69 16.35
CA ALA B 60 14.18 -3.14 15.26
C ALA B 60 15.14 -1.97 14.97
N ALA B 61 16.39 -2.29 14.62
CA ALA B 61 17.40 -1.24 14.38
C ALA B 61 16.93 -0.22 13.34
N THR B 62 16.18 -0.70 12.34
CA THR B 62 15.62 0.18 11.32
C THR B 62 14.89 1.39 11.95
N GLN B 63 14.12 1.14 13.03
CA GLN B 63 13.36 2.17 13.72
C GLN B 63 14.23 3.26 14.36
N VAL B 64 15.49 2.93 14.63
CA VAL B 64 16.39 3.95 15.19
C VAL B 64 17.40 4.39 14.13
N ASN B 65 16.99 4.20 12.87
CA ASN B 65 17.74 4.61 11.68
C ASN B 65 19.11 3.96 11.50
N VAL B 66 19.23 2.70 11.94
CA VAL B 66 20.45 1.95 11.78
C VAL B 66 19.97 0.75 10.97
N HIS B 67 20.36 0.73 9.74
CA HIS B 67 19.82 -0.31 8.85
C HIS B 67 20.56 -1.60 8.78
N LYS B 68 20.53 -2.30 9.93
CA LYS B 68 21.19 -3.59 10.15
C LYS B 68 20.11 -4.50 10.73
N ARG B 69 20.15 -5.78 10.39
CA ARG B 69 19.15 -6.73 10.82
C ARG B 69 19.33 -7.14 12.26
N ILE B 70 18.86 -6.26 13.16
CA ILE B 70 18.99 -6.50 14.57
C ILE B 70 17.68 -6.20 15.28
N VAL B 71 17.28 -7.08 16.17
CA VAL B 71 16.02 -6.90 16.88
C VAL B 71 16.18 -7.17 18.38
N VAL B 72 15.61 -6.32 19.23
CA VAL B 72 15.66 -6.63 20.66
C VAL B 72 14.22 -6.66 21.09
N MET B 73 13.97 -7.34 22.20
CA MET B 73 12.62 -7.46 22.70
C MET B 73 12.64 -7.74 24.17
N ASP B 74 11.57 -7.38 24.86
CA ASP B 74 11.40 -7.80 26.27
C ASP B 74 9.89 -7.83 26.51
N LEU B 75 9.35 -9.04 26.57
CA LEU B 75 7.92 -9.21 26.72
C LEU B 75 7.50 -9.29 28.18
N SER B 76 8.44 -9.14 29.11
CA SER B 76 8.10 -9.27 30.55
C SER B 76 7.45 -8.00 31.10
N GLU B 77 7.02 -8.04 32.36
CA GLU B 77 6.39 -6.86 32.90
C GLU B 77 7.36 -5.98 33.63
N ASP B 78 8.53 -6.56 33.93
CA ASP B 78 9.53 -5.85 34.71
C ASP B 78 10.97 -5.78 34.16
N LYS B 79 11.14 -5.75 32.85
CA LYS B 79 12.48 -5.64 32.28
C LYS B 79 13.37 -6.82 32.70
N SER B 80 12.79 -7.99 32.87
CA SER B 80 13.53 -9.15 33.28
C SER B 80 13.74 -10.20 32.18
N GLU B 81 13.26 -9.97 30.95
CA GLU B 81 13.46 -11.00 29.92
C GLU B 81 13.93 -10.47 28.57
N PRO B 82 15.10 -9.82 28.53
CA PRO B 82 15.66 -9.27 27.29
C PRO B 82 15.97 -10.39 26.29
N ARG B 83 15.66 -10.15 25.03
CA ARG B 83 15.92 -11.17 24.01
C ARG B 83 16.57 -10.42 22.86
N VAL B 84 17.55 -11.07 22.23
CA VAL B 84 18.25 -10.48 21.09
C VAL B 84 18.08 -11.42 19.88
N PHE B 85 17.77 -10.85 18.72
CA PHE B 85 17.67 -11.68 17.52
C PHE B 85 18.48 -10.93 16.45
N ILE B 86 19.55 -11.55 15.96
CA ILE B 86 20.35 -10.96 14.91
C ILE B 86 20.10 -11.75 13.60
N ASN B 87 19.96 -11.02 12.50
CA ASN B 87 19.61 -11.64 11.22
C ASN B 87 18.44 -12.60 11.39
N PRO B 88 17.35 -12.14 12.04
CA PRO B 88 16.22 -13.05 12.22
C PRO B 88 15.43 -13.35 10.96
N GLU B 89 14.79 -14.51 10.93
CA GLU B 89 13.92 -14.89 9.83
C GLU B 89 12.84 -15.73 10.53
N PHE B 90 11.69 -15.92 9.88
CA PHE B 90 10.65 -16.80 10.49
C PHE B 90 9.88 -17.52 9.35
N GLU B 91 9.31 -18.66 9.70
CA GLU B 91 8.49 -19.43 8.77
C GLU B 91 7.25 -19.82 9.61
N PRO B 92 6.04 -19.59 9.09
CA PRO B 92 4.82 -19.93 9.80
C PRO B 92 4.76 -21.45 9.95
N LEU B 93 4.25 -21.93 11.09
CA LEU B 93 4.10 -23.35 11.37
C LEU B 93 2.59 -23.70 11.35
N THR B 94 1.75 -22.77 10.94
CA THR B 94 0.33 -23.06 10.92
C THR B 94 -0.27 -22.13 9.90
N GLU B 95 -1.45 -22.45 9.38
CA GLU B 95 -2.00 -21.51 8.42
C GLU B 95 -3.12 -20.76 9.09
N GLU B 96 -3.36 -21.09 10.35
CA GLU B 96 -4.39 -20.44 11.14
C GLU B 96 -3.93 -18.98 11.32
N MET B 97 -4.85 -18.03 11.20
CA MET B 97 -4.48 -16.63 11.36
C MET B 97 -5.07 -16.23 12.67
N ASP B 98 -4.52 -15.19 13.27
CA ASP B 98 -5.06 -14.72 14.53
C ASP B 98 -4.91 -13.21 14.63
N GLN B 99 -5.94 -12.56 15.18
CA GLN B 99 -5.90 -11.11 15.33
C GLN B 99 -5.25 -10.75 16.65
N TYR B 100 -4.59 -9.60 16.63
CA TYR B 100 -3.95 -9.08 17.81
C TYR B 100 -3.92 -7.57 17.55
N GLN B 101 -4.27 -6.78 18.55
CA GLN B 101 -4.25 -5.32 18.38
C GLN B 101 -2.77 -5.01 18.46
N GLU B 102 -2.17 -4.56 17.39
CA GLU B 102 -0.75 -4.24 17.44
C GLU B 102 -0.54 -2.78 17.52
N GLY B 103 0.56 -2.39 18.16
CA GLY B 103 0.94 -0.99 18.23
C GLY B 103 2.38 -0.96 17.72
N CYS B 104 2.95 0.21 17.53
CA CYS B 104 4.34 0.33 17.07
C CYS B 104 4.93 1.62 17.56
N LEU B 105 6.16 1.61 18.04
CA LEU B 105 6.74 2.85 18.53
C LEU B 105 6.94 3.77 17.34
N SER B 106 6.97 3.24 16.14
CA SER B 106 7.11 4.14 14.99
C SER B 106 5.74 4.61 14.45
N VAL B 107 4.64 4.21 15.07
CA VAL B 107 3.29 4.65 14.68
C VAL B 107 2.62 4.91 16.02
N PRO B 108 3.24 5.78 16.84
CA PRO B 108 2.71 6.09 18.17
C PRO B 108 1.27 6.52 18.25
N GLY B 109 0.56 5.96 19.21
CA GLY B 109 -0.82 6.32 19.40
C GLY B 109 -1.85 5.52 18.63
N PHE B 110 -1.42 4.54 17.85
CA PHE B 110 -2.38 3.75 17.08
C PHE B 110 -2.28 2.28 17.38
N TYR B 111 -3.44 1.61 17.50
CA TYR B 111 -3.49 0.18 17.75
C TYR B 111 -4.54 -0.41 16.84
N GLU B 112 -4.12 -1.32 15.97
CA GLU B 112 -5.05 -1.87 15.03
C GLU B 112 -4.86 -3.34 14.95
N ASN B 113 -5.93 -4.02 14.61
CA ASN B 113 -5.87 -5.46 14.48
C ASN B 113 -5.08 -5.84 13.23
N VAL B 114 -4.31 -6.91 13.34
CA VAL B 114 -3.48 -7.39 12.24
C VAL B 114 -3.58 -8.90 12.35
N ASP B 115 -3.78 -9.57 11.24
CA ASP B 115 -3.91 -11.01 11.27
C ASP B 115 -2.54 -11.59 10.95
N ARG B 116 -2.08 -12.50 11.78
CA ARG B 116 -0.78 -13.14 11.53
C ARG B 116 -0.87 -14.55 12.07
N PRO B 117 -0.03 -15.46 11.54
CA PRO B 117 -0.10 -16.82 12.11
C PRO B 117 0.46 -16.70 13.55
N GLN B 118 -0.09 -17.52 14.44
CA GLN B 118 0.24 -17.55 15.86
C GLN B 118 1.37 -18.49 16.21
N LYS B 119 1.92 -19.22 15.26
CA LYS B 119 3.02 -20.12 15.59
C LYS B 119 4.00 -20.02 14.46
N VAL B 120 5.28 -19.76 14.77
CA VAL B 120 6.27 -19.67 13.72
C VAL B 120 7.58 -20.23 14.20
N ARG B 121 8.44 -20.59 13.24
CA ARG B 121 9.78 -21.05 13.60
C ARG B 121 10.73 -19.91 13.26
N ILE B 122 11.54 -19.51 14.24
CA ILE B 122 12.50 -18.40 14.09
C ILE B 122 13.89 -18.94 13.89
N LYS B 123 14.63 -18.35 12.95
CA LYS B 123 16.04 -18.68 12.81
C LYS B 123 16.73 -17.35 13.04
N ALA B 124 17.81 -17.35 13.81
CA ALA B 124 18.55 -16.10 14.09
C ALA B 124 19.87 -16.40 14.74
N LEU B 125 20.69 -15.36 14.91
CA LEU B 125 21.97 -15.49 15.60
C LEU B 125 21.74 -14.87 16.99
N ASP B 126 22.34 -15.43 18.03
CA ASP B 126 22.20 -14.81 19.34
C ASP B 126 23.29 -13.71 19.44
N ARG B 127 23.43 -13.10 20.61
CA ARG B 127 24.42 -12.03 20.82
C ARG B 127 25.90 -12.48 20.61
N ASP B 128 26.19 -13.77 20.76
CA ASP B 128 27.57 -14.25 20.57
C ASP B 128 27.79 -14.56 19.09
N GLY B 129 26.75 -14.33 18.29
CA GLY B 129 26.84 -14.60 16.88
C GLY B 129 26.59 -16.07 16.58
N ASN B 130 26.05 -16.81 17.54
CA ASN B 130 25.78 -18.21 17.34
C ASN B 130 24.35 -18.48 16.90
N PRO B 131 24.16 -19.33 15.88
CA PRO B 131 22.80 -19.56 15.43
C PRO B 131 21.92 -20.40 16.30
N PHE B 132 20.63 -20.10 16.25
CA PHE B 132 19.66 -20.89 16.98
C PHE B 132 18.38 -20.82 16.19
N GLU B 133 17.49 -21.77 16.49
CA GLU B 133 16.16 -21.80 15.86
C GLU B 133 15.22 -21.93 17.06
N GLU B 134 14.07 -21.29 16.97
CA GLU B 134 13.16 -21.32 18.10
C GLU B 134 11.74 -21.47 17.61
N VAL B 135 10.95 -22.28 18.30
CA VAL B 135 9.54 -22.38 17.96
C VAL B 135 8.89 -21.34 18.84
N ALA B 136 8.14 -20.42 18.24
CA ALA B 136 7.49 -19.34 18.98
C ALA B 136 5.97 -19.35 18.79
N GLU B 137 5.25 -19.02 19.86
CA GLU B 137 3.81 -18.99 19.81
C GLU B 137 3.33 -17.73 20.51
N GLY B 138 2.09 -17.34 20.24
CA GLY B 138 1.58 -16.17 20.94
C GLY B 138 2.27 -14.83 20.69
N LEU B 139 2.40 -14.04 21.75
CA LEU B 139 2.94 -12.70 21.63
C LEU B 139 4.32 -12.74 20.98
N LEU B 140 5.15 -13.68 21.43
CA LEU B 140 6.49 -13.76 20.82
C LEU B 140 6.38 -13.97 19.32
N ALA B 141 5.45 -14.84 18.91
CA ALA B 141 5.28 -15.12 17.48
C ALA B 141 4.85 -13.85 16.70
N VAL B 142 3.94 -13.10 17.31
CA VAL B 142 3.48 -11.86 16.68
C VAL B 142 4.60 -10.82 16.63
N CYS B 143 5.29 -10.65 17.76
CA CYS B 143 6.33 -9.65 17.82
C CYS B 143 7.48 -9.94 16.89
N ILE B 144 7.90 -11.19 16.73
CA ILE B 144 9.02 -11.40 15.83
C ILE B 144 8.64 -11.09 14.38
N GLN B 145 7.37 -11.32 14.03
CA GLN B 145 6.96 -11.04 12.68
C GLN B 145 6.93 -9.53 12.43
N HIS B 146 6.34 -8.82 13.37
CA HIS B 146 6.26 -7.35 13.33
C HIS B 146 7.70 -6.78 13.21
N GLU B 147 8.62 -7.25 14.07
CA GLU B 147 10.01 -6.73 14.00
C GLU B 147 10.75 -7.14 12.71
N CYS B 148 10.58 -8.38 12.23
CA CYS B 148 11.24 -8.75 10.95
C CYS B 148 10.67 -7.87 9.83
N ASP B 149 9.36 -7.59 9.89
CA ASP B 149 8.76 -6.73 8.88
C ASP B 149 9.52 -5.37 8.84
N HIS B 150 9.84 -4.83 10.01
CA HIS B 150 10.53 -3.55 10.06
C HIS B 150 11.82 -3.65 9.28
N LEU B 151 12.50 -4.78 9.43
CA LEU B 151 13.78 -4.98 8.77
C LEU B 151 13.65 -5.04 7.24
N ASN B 152 12.44 -5.29 6.77
CA ASN B 152 12.19 -5.31 5.36
C ASN B 152 11.41 -4.07 4.95
N GLY B 153 11.48 -3.02 5.78
CA GLY B 153 10.81 -1.75 5.48
C GLY B 153 9.27 -1.79 5.46
N LYS B 154 8.69 -2.70 6.21
CA LYS B 154 7.28 -2.85 6.25
C LYS B 154 6.77 -2.50 7.66
N LEU B 155 5.60 -1.86 7.70
CA LEU B 155 4.99 -1.40 8.94
C LEU B 155 3.67 -2.09 9.08
N PHE B 156 3.18 -2.21 10.32
CA PHE B 156 1.91 -2.89 10.51
C PHE B 156 0.76 -2.16 9.79
N VAL B 157 0.91 -0.85 9.58
CA VAL B 157 -0.18 -0.14 8.89
C VAL B 157 -0.27 -0.61 7.43
N ASP B 158 0.78 -1.27 6.94
CA ASP B 158 0.75 -1.74 5.53
C ASP B 158 -0.27 -2.86 5.36
N TYR B 159 -0.72 -3.43 6.46
CA TYR B 159 -1.73 -4.51 6.39
C TYR B 159 -3.12 -3.94 6.45
N LEU B 160 -3.24 -2.63 6.71
CA LEU B 160 -4.57 -2.04 6.87
C LEU B 160 -5.10 -1.55 5.53
N SER B 161 -6.36 -1.16 5.50
CA SER B 161 -6.95 -0.66 4.26
C SER B 161 -6.22 0.61 3.84
N THR B 162 -6.40 0.99 2.59
CA THR B 162 -5.72 2.18 2.08
C THR B 162 -6.19 3.44 2.77
N LEU B 163 -7.50 3.58 2.91
CA LEU B 163 -8.03 4.78 3.55
C LEU B 163 -7.66 4.87 5.04
N LYS B 164 -7.61 3.73 5.72
CA LYS B 164 -7.28 3.79 7.14
C LYS B 164 -5.83 4.17 7.30
N ARG B 165 -4.95 3.55 6.51
CA ARG B 165 -3.52 3.87 6.58
C ARG B 165 -3.31 5.33 6.29
N ASP B 166 -4.01 5.84 5.28
CA ASP B 166 -3.79 7.24 4.92
C ASP B 166 -4.32 8.14 6.02
N ARG B 167 -5.36 7.70 6.71
CA ARG B 167 -5.90 8.53 7.78
C ARG B 167 -4.85 8.60 8.92
N ILE B 168 -4.25 7.47 9.21
CA ILE B 168 -3.21 7.42 10.23
C ILE B 168 -2.06 8.33 9.82
N ARG B 169 -1.65 8.24 8.56
CA ARG B 169 -0.58 9.07 8.04
C ARG B 169 -0.89 10.55 8.25
N LYS B 170 -2.11 10.94 7.89
CA LYS B 170 -2.49 12.34 8.01
C LYS B 170 -2.46 12.84 9.43
N LYS B 171 -2.93 12.01 10.36
CA LYS B 171 -2.90 12.42 11.75
C LYS B 171 -1.47 12.57 12.21
N LEU B 172 -0.63 11.58 11.88
CA LEU B 172 0.77 11.66 12.28
C LEU B 172 1.45 12.90 11.71
N GLU B 173 1.17 13.21 10.46
CA GLU B 173 1.80 14.38 9.85
C GLU B 173 1.33 15.65 10.55
N LYS B 174 0.07 15.67 10.93
CA LYS B 174 -0.45 16.84 11.62
C LYS B 174 0.41 16.98 12.87
N GLN B 175 0.48 15.94 13.70
CA GLN B 175 1.29 16.00 14.91
C GLN B 175 2.75 16.45 14.66
N HIS B 176 3.41 15.86 13.68
CA HIS B 176 4.80 16.20 13.39
C HIS B 176 5.02 17.69 13.13
N ARG B 177 4.03 18.31 12.50
CA ARG B 177 4.11 19.74 12.30
C ARG B 177 2.94 20.22 13.15
NI NI C . -8.61 1.88 -17.93
OAM GNR D . -2.59 1.15 -14.76
CAH GNR D . -2.88 2.03 -15.58
NAG GNR D . -1.90 2.64 -16.31
CAD GNR D . -2.05 3.70 -17.21
CAC GNR D . -0.94 4.10 -17.98
CAB GNR D . -1.09 5.12 -18.93
CAA GNR D . -2.33 5.74 -19.14
CAF GNR D . -3.44 5.35 -18.38
CAE GNR D . -3.30 4.34 -17.42
SAJ GNR D . -4.68 3.91 -16.35
CAI GNR D . -4.34 2.16 -16.01
CAK GNR D . -5.30 1.57 -14.98
CAL GNR D . -6.69 1.47 -15.64
OAN GNR D . -6.96 0.54 -16.41
NAO GNR D . -7.53 2.46 -15.37
OAP GNR D . -8.77 2.47 -15.90
C1 GOL E . -9.59 12.83 -1.41
O1 GOL E . -9.87 12.02 -0.49
C2 GOL E . -8.72 12.69 -2.34
O2 GOL E . -7.83 11.79 -2.27
C3 GOL E . -8.61 13.67 -3.34
O3 GOL E . -7.63 13.35 -4.52
NI NI F . 7.12 -1.61 15.26
OAM GNR G . 5.65 -2.00 21.77
CAH GNR G . 5.29 -2.81 20.92
NAG GNR G . 4.16 -3.56 21.11
CAD GNR G . 3.66 -4.55 20.31
CAC GNR G . 2.37 -5.06 20.59
CAB GNR G . 1.79 -6.00 19.73
CAA GNR G . 2.48 -6.45 18.58
CAF GNR G . 3.76 -5.95 18.29
CAE GNR G . 4.33 -5.01 19.15
SAJ GNR G . 6.00 -4.44 18.85
CAI GNR G . 5.95 -2.75 19.53
CAK GNR G . 7.34 -2.12 19.63
CAL GNR G . 7.84 -1.70 18.24
OAN GNR G . 7.80 -0.53 17.86
NAO GNR G . 8.30 -2.69 17.47
OAP GNR G . 8.76 -2.42 16.24
#